data_4MK2
#
_entry.id   4MK2
#
_cell.length_a   87.694
_cell.length_b   101.432
_cell.length_c   66.120
_cell.angle_alpha   90.00
_cell.angle_beta   90.00
_cell.angle_gamma   90.00
#
_symmetry.space_group_name_H-M   'C 2 2 21'
#
loop_
_entity.id
_entity.type
_entity.pdbx_description
1 polymer 'POLYMERASE PA'
2 non-polymer 'MANGANESE (II) ION'
3 non-polymer 'SULFATE ION'
4 non-polymer 1,2-ETHANEDIOL
5 non-polymer 3-(5-hydroxy-6-oxo-1,6-dihydropyridin-3-yl)benzonitrile
6 water water
#
_entity_poly.entity_id   1
_entity_poly.type   'polypeptide(L)'
_entity_poly.pdbx_seq_one_letter_code
;MAHHHHHHSRAWRHPQFGGHHHHHHALEVLFQGPLGSMEDFVRQCFNPMIVELAEKAMKEYGEDPKIETNKFAAICTHLE
VCFMYSDFHFIDERGESIIVESGDPNALLKHRFEIIEGRDRIMAWTVVNSICNTTGVEKPKFLPDLYDYKENRFIEIGVT
RREVHIYYLEKANKIKSEKTHIHIFSFTGEEMATKADYTLDEESRARIKTRLFTIRQEMASRSLWDSFRQSERGEETVEE
R
;
_entity_poly.pdbx_strand_id   A
#
loop_
_chem_comp.id
_chem_comp.type
_chem_comp.name
_chem_comp.formula
28B non-polymer 3-(5-hydroxy-6-oxo-1,6-dihydropyridin-3-yl)benzonitrile 'C12 H8 N2 O2'
EDO non-polymer 1,2-ETHANEDIOL 'C2 H6 O2'
MN non-polymer 'MANGANESE (II) ION' 'Mn 2'
SO4 non-polymer 'SULFATE ION' 'O4 S -2'
#
# COMPACT_ATOMS: atom_id res chain seq x y z
N GLY A 33 0.49 25.83 -17.59
CA GLY A 33 -0.73 25.92 -16.75
C GLY A 33 -0.41 26.49 -15.37
N PRO A 34 -1.46 26.80 -14.58
CA PRO A 34 -1.26 27.33 -13.23
C PRO A 34 -0.75 26.26 -12.30
N LEU A 35 0.03 26.64 -11.31
CA LEU A 35 0.52 25.67 -10.33
C LEU A 35 -0.50 25.51 -9.21
N GLY A 36 -1.01 24.30 -9.04
CA GLY A 36 -1.92 24.03 -7.93
C GLY A 36 -1.16 23.82 -6.64
N SER A 37 -1.89 23.62 -5.54
CA SER A 37 -1.28 23.21 -4.29
C SER A 37 -1.44 21.71 -4.12
N MET A 38 -0.42 21.08 -3.59
CA MET A 38 -0.49 19.66 -3.32
C MET A 38 -1.59 19.35 -2.30
N GLU A 39 -1.78 20.26 -1.34
CA GLU A 39 -2.86 20.14 -0.37
C GLU A 39 -4.21 19.97 -1.04
N ASP A 40 -4.50 20.86 -1.99
CA ASP A 40 -5.75 20.83 -2.75
C ASP A 40 -5.89 19.50 -3.48
N PHE A 41 -4.80 19.04 -4.11
CA PHE A 41 -4.82 17.77 -4.81
C PHE A 41 -5.17 16.61 -3.87
N VAL A 42 -4.51 16.55 -2.72
CA VAL A 42 -4.75 15.47 -1.79
C VAL A 42 -6.20 15.46 -1.32
N ARG A 43 -6.72 16.61 -0.93
CA ARG A 43 -8.08 16.64 -0.41
C ARG A 43 -9.14 16.36 -1.47
N GLN A 44 -8.83 16.69 -2.73
CA GLN A 44 -9.81 16.54 -3.79
C GLN A 44 -9.78 15.14 -4.43
N CYS A 45 -8.63 14.48 -4.37
CA CYS A 45 -8.42 13.26 -5.16
C CYS A 45 -8.29 11.97 -4.32
N PHE A 46 -8.12 12.09 -3.00
CA PHE A 46 -8.20 10.93 -2.11
C PHE A 46 -9.44 10.97 -1.21
N ASN A 47 -9.97 9.79 -0.95
CA ASN A 47 -11.07 9.60 -0.02
C ASN A 47 -10.73 10.21 1.35
N PRO A 48 -11.71 10.84 2.02
CA PRO A 48 -11.40 11.51 3.28
C PRO A 48 -10.81 10.58 4.35
N MET A 49 -11.19 9.31 4.35
CA MET A 49 -10.66 8.38 5.34
C MET A 49 -9.18 8.16 5.14
N ILE A 50 -8.76 8.05 3.88
CA ILE A 50 -7.36 7.91 3.55
C ILE A 50 -6.57 9.14 4.00
N VAL A 51 -7.10 10.32 3.71
CA VAL A 51 -6.45 11.56 4.06
C VAL A 51 -6.26 11.63 5.58
N GLU A 52 -7.30 11.27 6.32
CA GLU A 52 -7.25 11.39 7.77
C GLU A 52 -6.21 10.43 8.33
N LEU A 53 -6.22 9.19 7.83
CA LEU A 53 -5.23 8.19 8.25
C LEU A 53 -3.81 8.64 7.94
N ALA A 54 -3.64 9.26 6.78
CA ALA A 54 -2.35 9.82 6.38
C ALA A 54 -1.91 10.95 7.30
N GLU A 55 -2.84 11.84 7.66
CA GLU A 55 -2.53 12.91 8.60
C GLU A 55 -2.10 12.36 9.96
N LYS A 56 -2.83 11.36 10.42
CA LYS A 56 -2.54 10.74 11.71
C LYS A 56 -1.16 10.07 11.68
N ALA A 57 -0.83 9.43 10.56
CA ALA A 57 0.48 8.80 10.40
C ALA A 57 1.62 9.81 10.45
N MET A 58 1.47 10.90 9.71
CA MET A 58 2.49 11.96 9.72
C MET A 58 2.67 12.56 11.11
N LYS A 59 1.59 12.78 11.85
CA LYS A 59 1.70 13.29 13.21
C LYS A 59 2.54 12.31 14.03
N GLU A 60 2.29 11.03 13.86
CA GLU A 60 3.03 10.00 14.57
C GLU A 60 4.49 9.99 14.09
N TYR A 61 4.72 10.22 12.80
CA TYR A 61 6.08 10.26 12.26
C TYR A 61 6.81 11.58 12.65
N GLY A 62 6.09 12.53 13.23
CA GLY A 62 6.65 13.84 13.54
C GLY A 62 6.81 14.80 12.37
N GLU A 63 5.92 14.69 11.38
CA GLU A 63 6.04 15.44 10.12
C GLU A 63 4.75 16.21 9.91
N ASP A 64 4.83 17.44 9.39
CA ASP A 64 3.62 18.24 9.23
C ASP A 64 3.12 18.13 7.79
N PRO A 65 1.88 17.63 7.60
CA PRO A 65 1.35 17.49 6.24
C PRO A 65 1.34 18.78 5.42
N LYS A 66 1.36 19.92 6.08
CA LYS A 66 1.24 21.18 5.36
C LYS A 66 2.60 21.71 4.93
N ILE A 67 3.64 21.04 5.38
CA ILE A 67 5.01 21.39 5.00
C ILE A 67 5.62 20.29 4.12
N GLU A 68 5.58 19.06 4.60
CA GLU A 68 6.06 17.91 3.82
C GLU A 68 4.93 17.39 2.94
N THR A 69 4.57 18.20 1.94
CA THR A 69 3.36 17.94 1.19
C THR A 69 3.53 16.84 0.16
N ASN A 70 4.72 16.71 -0.42
CA ASN A 70 4.99 15.60 -1.31
C ASN A 70 4.88 14.30 -0.52
N LYS A 71 5.40 14.33 0.70
CA LYS A 71 5.37 13.16 1.57
C LYS A 71 3.92 12.78 1.88
N PHE A 72 3.09 13.79 2.09
CA PHE A 72 1.69 13.65 2.42
C PHE A 72 0.98 12.90 1.29
N ALA A 73 1.24 13.36 0.06
CA ALA A 73 0.67 12.73 -1.12
C ALA A 73 1.18 11.31 -1.30
N ALA A 74 2.46 11.09 -1.04
CA ALA A 74 3.04 9.77 -1.16
C ALA A 74 2.44 8.80 -0.12
N ILE A 75 2.22 9.29 1.11
CA ILE A 75 1.63 8.48 2.16
C ILE A 75 0.19 8.13 1.80
N CYS A 76 -0.57 9.09 1.30
CA CYS A 76 -1.93 8.81 0.87
C CYS A 76 -1.95 7.76 -0.26
N THR A 77 -1.08 7.94 -1.24
CA THR A 77 -1.00 7.04 -2.37
C THR A 77 -0.67 5.62 -1.92
N HIS A 78 0.34 5.47 -1.07
CA HIS A 78 0.73 4.17 -0.56
C HIS A 78 -0.37 3.50 0.28
N LEU A 79 -1.04 4.29 1.12
CA LEU A 79 -2.18 3.75 1.87
C LEU A 79 -3.28 3.23 0.94
N GLU A 80 -3.62 4.03 -0.08
CA GLU A 80 -4.64 3.63 -1.03
C GLU A 80 -4.27 2.34 -1.77
N VAL A 81 -3.00 2.23 -2.17
CA VAL A 81 -2.54 1.03 -2.82
C VAL A 81 -2.69 -0.17 -1.89
N CYS A 82 -2.36 0.00 -0.61
CA CYS A 82 -2.53 -1.09 0.34
C CYS A 82 -3.98 -1.53 0.42
N PHE A 83 -4.89 -0.57 0.46
CA PHE A 83 -6.32 -0.87 0.49
C PHE A 83 -6.77 -1.56 -0.81
N MET A 84 -6.26 -1.10 -1.94
CA MET A 84 -6.70 -1.62 -3.22
C MET A 84 -6.18 -3.03 -3.43
N TYR A 85 -5.01 -3.31 -2.84
CA TYR A 85 -4.38 -4.62 -2.95
C TYR A 85 -5.26 -5.64 -2.24
N SER A 86 -5.92 -5.18 -1.18
CA SER A 86 -6.72 -6.05 -0.32
C SER A 86 -8.17 -6.15 -0.78
N ASP A 87 -8.64 -5.12 -1.47
CA ASP A 87 -10.02 -5.02 -1.94
C ASP A 87 -10.47 -6.25 -2.72
N PHE A 88 -11.66 -6.76 -2.38
CA PHE A 88 -12.38 -7.77 -3.14
C PHE A 88 -11.88 -9.19 -2.92
N HIS A 89 -10.80 -9.36 -2.17
CA HIS A 89 -10.18 -10.66 -2.03
C HIS A 89 -10.62 -11.36 -0.77
N PHE A 90 -11.15 -12.56 -0.94
CA PHE A 90 -11.70 -13.31 0.18
C PHE A 90 -11.22 -14.74 0.10
N ILE A 91 -11.40 -15.44 1.21
CA ILE A 91 -11.18 -16.85 1.23
C ILE A 91 -12.56 -17.45 1.50
N ASP A 92 -12.95 -18.40 0.65
CA ASP A 92 -14.34 -18.80 0.56
C ASP A 92 -14.74 -19.78 1.65
N GLU A 93 -15.98 -20.23 1.59
CA GLU A 93 -16.56 -21.15 2.57
C GLU A 93 -15.83 -22.49 2.56
N ARG A 94 -14.90 -22.67 1.62
CA ARG A 94 -14.17 -23.91 1.48
C ARG A 94 -12.68 -23.68 1.70
N GLY A 95 -12.26 -22.41 1.74
CA GLY A 95 -10.89 -22.07 2.06
C GLY A 95 -9.99 -21.81 0.87
N GLU A 96 -10.60 -21.52 -0.28
CA GLU A 96 -9.87 -21.14 -1.48
C GLU A 96 -10.04 -19.65 -1.72
N SER A 97 -9.12 -19.08 -2.48
CA SER A 97 -9.06 -17.64 -2.64
C SER A 97 -9.97 -17.22 -3.79
N ILE A 98 -10.83 -16.24 -3.55
CA ILE A 98 -11.77 -15.80 -4.57
C ILE A 98 -11.91 -14.30 -4.59
N ILE A 99 -12.45 -13.80 -5.69
CA ILE A 99 -12.58 -12.35 -5.88
C ILE A 99 -14.07 -12.04 -5.95
N VAL A 100 -14.51 -11.13 -5.08
CA VAL A 100 -15.90 -10.76 -5.00
C VAL A 100 -16.00 -9.25 -5.08
N GLU A 101 -16.34 -8.78 -6.29
CA GLU A 101 -16.33 -7.35 -6.58
C GLU A 101 -17.68 -6.72 -6.30
N SER A 102 -18.58 -7.47 -5.69
CA SER A 102 -19.93 -6.99 -5.43
C SER A 102 -19.91 -6.20 -4.13
N GLY A 103 -21.04 -5.59 -3.79
CA GLY A 103 -21.17 -4.87 -2.53
C GLY A 103 -21.46 -5.81 -1.37
N ASP A 104 -22.07 -6.94 -1.69
CA ASP A 104 -22.44 -7.94 -0.71
C ASP A 104 -21.64 -9.23 -0.88
N PRO A 105 -20.55 -9.39 -0.11
CA PRO A 105 -19.95 -10.72 -0.09
C PRO A 105 -20.74 -11.61 0.86
N ASN A 106 -20.84 -12.91 0.57
CA ASN A 106 -21.58 -13.82 1.43
C ASN A 106 -20.99 -13.72 2.85
N ALA A 107 -21.86 -13.81 3.86
CA ALA A 107 -21.43 -13.60 5.24
C ALA A 107 -20.40 -14.62 5.75
N LEU A 108 -20.27 -15.77 5.09
CA LEU A 108 -19.30 -16.77 5.52
C LEU A 108 -17.89 -16.51 4.96
N LEU A 109 -17.78 -15.55 4.07
CA LEU A 109 -16.50 -15.25 3.45
C LEU A 109 -15.62 -14.47 4.43
N LYS A 110 -14.35 -14.86 4.47
CA LYS A 110 -13.35 -14.14 5.27
C LYS A 110 -12.40 -13.35 4.37
N HIS A 111 -12.09 -12.13 4.81
CA HIS A 111 -11.10 -11.30 4.14
C HIS A 111 -9.79 -12.06 3.98
N ARG A 112 -9.21 -11.99 2.79
CA ARG A 112 -7.97 -12.68 2.53
C ARG A 112 -6.80 -11.99 3.20
N PHE A 113 -6.85 -10.66 3.27
CA PHE A 113 -5.72 -9.89 3.78
C PHE A 113 -6.07 -9.20 5.09
N GLU A 114 -5.11 -9.23 6.01
CA GLU A 114 -5.12 -8.30 7.15
C GLU A 114 -4.38 -7.05 6.71
N ILE A 115 -4.92 -5.87 7.04
CA ILE A 115 -4.27 -4.62 6.71
C ILE A 115 -3.62 -4.06 7.97
N ILE A 116 -2.31 -3.83 7.89
CA ILE A 116 -1.52 -3.37 9.02
C ILE A 116 -1.25 -1.86 8.90
N GLU A 117 -0.94 -1.42 7.70
CA GLU A 117 -0.67 -0.02 7.42
C GLU A 117 -1.94 0.76 7.71
N GLY A 118 -1.79 1.99 8.21
CA GLY A 118 -2.92 2.82 8.51
C GLY A 118 -3.34 2.76 9.97
N ARG A 119 -2.85 1.78 10.71
CA ARG A 119 -3.14 1.66 12.13
C ARG A 119 -2.10 2.45 12.91
N ASP A 120 -2.44 2.96 14.08
CA ASP A 120 -1.42 3.57 14.91
C ASP A 120 -0.45 2.50 15.38
N ARG A 121 0.69 2.93 15.90
CA ARG A 121 1.76 2.03 16.28
C ARG A 121 1.30 0.90 17.19
N ILE A 122 0.59 1.26 18.26
CA ILE A 122 0.20 0.27 19.25
C ILE A 122 -0.73 -0.78 18.62
N MET A 123 -1.70 -0.32 17.83
CA MET A 123 -2.68 -1.25 17.26
C MET A 123 -2.02 -2.09 16.16
N ALA A 124 -1.10 -1.50 15.42
CA ALA A 124 -0.46 -2.21 14.32
C ALA A 124 0.34 -3.40 14.86
N TRP A 125 1.13 -3.16 15.90
CA TRP A 125 1.88 -4.23 16.53
C TRP A 125 0.98 -5.23 17.23
N THR A 126 -0.14 -4.75 17.77
CA THR A 126 -1.09 -5.66 18.40
C THR A 126 -1.61 -6.66 17.36
N VAL A 127 -1.92 -6.16 16.17
CA VAL A 127 -2.42 -7.00 15.10
C VAL A 127 -1.33 -7.95 14.60
N VAL A 128 -0.12 -7.43 14.41
CA VAL A 128 1.00 -8.29 14.01
C VAL A 128 1.22 -9.40 15.04
N ASN A 129 1.40 -9.05 16.31
CA ASN A 129 1.75 -10.07 17.31
C ASN A 129 0.68 -11.14 17.36
N SER A 130 -0.57 -10.73 17.18
CA SER A 130 -1.68 -11.65 17.17
C SER A 130 -1.49 -12.66 16.03
N ILE A 131 -1.38 -12.13 14.80
CA ILE A 131 -1.20 -12.98 13.61
C ILE A 131 -0.07 -13.97 13.86
N CYS A 132 1.02 -13.47 14.43
CA CYS A 132 2.25 -14.21 14.59
C CYS A 132 2.16 -15.36 15.57
N ASN A 133 1.69 -15.05 16.76
CA ASN A 133 1.58 -16.06 17.79
C ASN A 133 0.50 -17.06 17.38
N THR A 134 -0.37 -16.65 16.46
CA THR A 134 -1.49 -17.47 16.01
C THR A 134 -1.14 -18.40 14.86
N THR A 135 -0.25 -17.96 13.98
CA THR A 135 0.03 -18.67 12.74
C THR A 135 1.37 -19.37 12.82
N GLY A 136 2.17 -18.99 13.80
CA GLY A 136 3.53 -19.47 13.92
C GLY A 136 4.50 -18.69 13.07
N VAL A 137 3.97 -17.91 12.13
CA VAL A 137 4.77 -16.97 11.35
C VAL A 137 5.57 -16.12 12.31
N GLU A 138 6.88 -16.04 12.11
CA GLU A 138 7.74 -15.33 13.04
C GLU A 138 7.43 -13.84 13.00
N LYS A 139 7.82 -13.13 14.05
CA LYS A 139 7.56 -11.69 14.15
C LYS A 139 8.50 -10.88 13.28
N PRO A 140 7.95 -10.04 12.40
CA PRO A 140 8.84 -9.15 11.67
C PRO A 140 9.45 -8.10 12.59
N LYS A 141 10.53 -7.47 12.15
CA LYS A 141 11.20 -6.47 12.95
C LYS A 141 10.72 -5.04 12.62
N PHE A 142 10.19 -4.86 11.42
CA PHE A 142 9.53 -3.60 11.07
C PHE A 142 8.08 -3.91 10.73
N LEU A 143 7.16 -2.99 11.00
CA LEU A 143 5.79 -3.18 10.59
C LEU A 143 5.69 -3.39 9.07
N PRO A 144 5.12 -4.53 8.66
CA PRO A 144 4.78 -4.70 7.24
C PRO A 144 3.45 -4.03 6.94
N ASP A 145 2.98 -4.14 5.69
CA ASP A 145 1.75 -3.51 5.28
C ASP A 145 0.49 -4.35 5.34
N LEU A 146 0.64 -5.64 4.99
CA LEU A 146 -0.46 -6.58 4.89
C LEU A 146 -0.04 -7.94 5.44
N TYR A 147 -1.01 -8.74 5.80
CA TYR A 147 -0.78 -10.17 5.96
C TYR A 147 -1.72 -10.91 5.03
N ASP A 148 -1.17 -11.89 4.33
CA ASP A 148 -1.91 -12.67 3.33
C ASP A 148 -2.24 -14.04 3.94
N TYR A 149 -3.50 -14.25 4.27
CA TYR A 149 -3.93 -15.51 4.86
C TYR A 149 -3.93 -16.68 3.88
N LYS A 150 -3.83 -16.42 2.57
CA LYS A 150 -3.76 -17.51 1.60
C LYS A 150 -2.33 -18.00 1.49
N GLU A 151 -1.39 -17.07 1.33
CA GLU A 151 0.01 -17.41 1.13
C GLU A 151 0.74 -17.50 2.46
N ASN A 152 0.03 -17.17 3.54
CA ASN A 152 0.59 -17.21 4.89
C ASN A 152 1.91 -16.45 5.02
N ARG A 153 1.90 -15.17 4.63
CA ARG A 153 3.08 -14.33 4.77
C ARG A 153 2.69 -12.87 4.90
N PHE A 154 3.55 -12.10 5.55
CA PHE A 154 3.44 -10.66 5.53
C PHE A 154 3.90 -10.12 4.19
N ILE A 155 3.34 -8.97 3.83
CA ILE A 155 3.71 -8.27 2.60
C ILE A 155 4.15 -6.86 2.92
N GLU A 156 5.26 -6.44 2.32
CA GLU A 156 5.63 -5.04 2.29
C GLU A 156 5.28 -4.48 0.92
N ILE A 157 4.42 -3.48 0.90
CA ILE A 157 4.03 -2.79 -0.34
C ILE A 157 4.93 -1.59 -0.54
N GLY A 158 5.49 -1.47 -1.73
CA GLY A 158 6.24 -0.29 -2.10
C GLY A 158 5.59 0.43 -3.27
N VAL A 159 5.60 1.75 -3.21
CA VAL A 159 5.19 2.59 -4.34
C VAL A 159 6.30 3.58 -4.58
N THR A 160 6.81 3.63 -5.81
CA THR A 160 8.00 4.43 -6.09
C THR A 160 7.87 5.23 -7.36
N ARG A 161 8.47 6.41 -7.33
CA ARG A 161 8.60 7.30 -8.49
C ARG A 161 9.90 7.03 -9.24
N ARG A 162 10.70 6.10 -8.73
CA ARG A 162 11.97 5.71 -9.34
C ARG A 162 11.85 4.29 -9.89
N GLU A 163 12.92 3.78 -10.49
CA GLU A 163 12.90 2.43 -11.05
C GLU A 163 12.68 1.38 -9.95
N VAL A 164 11.84 0.39 -10.26
CA VAL A 164 11.37 -0.55 -9.25
C VAL A 164 12.49 -1.37 -8.62
N HIS A 165 13.51 -1.71 -9.41
CA HIS A 165 14.57 -2.58 -8.91
C HIS A 165 15.41 -1.87 -7.85
N ILE A 166 15.64 -0.57 -8.00
CA ILE A 166 16.39 0.16 -6.98
C ILE A 166 15.59 0.22 -5.69
N TYR A 167 14.33 0.59 -5.81
CA TYR A 167 13.47 0.68 -4.64
C TYR A 167 13.31 -0.68 -4.00
N TYR A 168 13.21 -1.72 -4.82
CA TYR A 168 13.10 -3.07 -4.29
C TYR A 168 14.27 -3.35 -3.36
N LEU A 169 15.48 -3.05 -3.82
CA LEU A 169 16.68 -3.38 -3.05
C LEU A 169 16.68 -2.62 -1.73
N GLU A 170 16.26 -1.36 -1.78
CA GLU A 170 16.19 -0.55 -0.57
C GLU A 170 15.28 -1.17 0.48
N LYS A 171 14.09 -1.61 0.06
CA LYS A 171 13.16 -2.26 0.96
C LYS A 171 13.75 -3.54 1.52
N ALA A 172 14.37 -4.33 0.66
CA ALA A 172 14.87 -5.63 1.04
C ALA A 172 16.01 -5.47 2.03
N ASN A 173 16.85 -4.47 1.81
CA ASN A 173 18.00 -4.26 2.68
C ASN A 173 17.55 -3.83 4.07
N LYS A 174 16.45 -3.09 4.15
CA LYS A 174 15.88 -2.74 5.44
C LYS A 174 15.26 -3.97 6.12
N ILE A 175 14.71 -4.85 5.30
CA ILE A 175 14.05 -6.07 5.78
C ILE A 175 15.06 -7.14 6.20
N LYS A 176 16.20 -7.19 5.52
CA LYS A 176 17.23 -8.18 5.79
C LYS A 176 16.71 -9.60 5.69
N SER A 177 16.74 -10.33 6.80
CA SER A 177 16.17 -11.67 6.81
C SER A 177 14.73 -11.56 6.37
N GLU A 178 14.39 -12.28 5.30
CA GLU A 178 13.11 -12.07 4.65
C GLU A 178 12.20 -13.28 4.78
N LYS A 179 11.24 -13.17 5.68
CA LYS A 179 10.00 -13.93 5.58
C LYS A 179 9.08 -13.08 4.74
N THR A 180 9.23 -11.76 4.87
CA THR A 180 8.26 -10.81 4.38
C THR A 180 8.39 -10.64 2.88
N HIS A 181 7.26 -10.77 2.19
CA HIS A 181 7.21 -10.70 0.75
C HIS A 181 7.15 -9.24 0.36
N ILE A 182 7.91 -8.86 -0.67
CA ILE A 182 7.93 -7.47 -1.09
C ILE A 182 7.25 -7.33 -2.44
N HIS A 183 6.38 -6.33 -2.56
CA HIS A 183 5.75 -6.05 -3.83
C HIS A 183 5.82 -4.55 -4.12
N ILE A 184 6.55 -4.21 -5.18
CA ILE A 184 6.81 -2.82 -5.56
C ILE A 184 6.00 -2.45 -6.80
N PHE A 185 5.37 -1.28 -6.76
CA PHE A 185 4.70 -0.69 -7.90
C PHE A 185 5.37 0.64 -8.22
N SER A 186 5.49 0.94 -9.51
CA SER A 186 5.92 2.25 -9.95
C SER A 186 4.75 2.97 -10.58
N PHE A 187 4.88 4.28 -10.70
CA PHE A 187 3.84 5.08 -11.30
C PHE A 187 3.70 4.85 -12.82
N THR A 188 4.70 4.23 -13.44
CA THR A 188 4.66 3.98 -14.88
C THR A 188 4.36 2.51 -15.22
N GLY A 189 3.92 1.75 -14.24
CA GLY A 189 3.35 0.43 -14.48
C GLY A 189 4.28 -0.73 -14.25
N GLU A 190 5.55 -0.47 -14.00
CA GLU A 190 6.48 -1.55 -13.71
C GLU A 190 6.19 -2.09 -12.31
N GLU A 191 6.48 -3.38 -12.12
CA GLU A 191 6.37 -4.02 -10.82
C GLU A 191 7.57 -4.90 -10.61
N MET A 192 7.90 -5.10 -9.34
CA MET A 192 8.90 -6.08 -8.96
CA MET A 192 8.90 -6.08 -8.96
C MET A 192 8.48 -6.70 -7.64
N ALA A 193 8.51 -8.02 -7.59
CA ALA A 193 8.09 -8.74 -6.40
C ALA A 193 9.02 -9.91 -6.13
N THR A 194 9.16 -10.20 -4.84
CA THR A 194 10.00 -11.28 -4.35
C THR A 194 9.77 -12.58 -5.12
N LYS A 195 10.87 -13.16 -5.58
CA LYS A 195 10.87 -14.41 -6.32
C LYS A 195 9.92 -14.42 -7.51
N ALA A 196 9.66 -13.26 -8.07
CA ALA A 196 8.81 -13.13 -9.26
C ALA A 196 7.43 -13.69 -8.98
N ASP A 197 7.05 -13.61 -7.71
CA ASP A 197 5.76 -14.07 -7.21
C ASP A 197 4.93 -12.83 -6.92
N TYR A 198 3.91 -12.60 -7.74
CA TYR A 198 3.17 -11.32 -7.73
C TYR A 198 1.87 -11.38 -6.91
N THR A 199 1.59 -12.54 -6.33
CA THR A 199 0.49 -12.75 -5.38
C THR A 199 -0.90 -12.65 -6.02
N LEU A 200 -1.18 -11.54 -6.66
CA LEU A 200 -2.50 -11.27 -7.18
C LEU A 200 -2.56 -11.49 -8.69
N ASP A 201 -3.79 -11.63 -9.18
CA ASP A 201 -4.10 -11.71 -10.59
C ASP A 201 -3.77 -10.40 -11.29
N GLU A 202 -3.68 -10.45 -12.62
CA GLU A 202 -3.37 -9.28 -13.44
C GLU A 202 -4.40 -8.16 -13.29
N GLU A 203 -5.68 -8.52 -13.24
CA GLU A 203 -6.72 -7.50 -13.17
C GLU A 203 -6.59 -6.64 -11.90
N SER A 204 -6.37 -7.29 -10.76
CA SER A 204 -6.21 -6.56 -9.51
C SER A 204 -5.02 -5.61 -9.57
N ARG A 205 -3.89 -6.10 -10.04
CA ARG A 205 -2.73 -5.26 -10.14
C ARG A 205 -2.97 -4.17 -11.21
N ALA A 206 -3.72 -4.49 -12.25
CA ALA A 206 -4.06 -3.47 -13.26
C ALA A 206 -4.88 -2.32 -12.63
N ARG A 207 -5.76 -2.63 -11.69
CA ARG A 207 -6.56 -1.58 -11.04
C ARG A 207 -5.62 -0.61 -10.33
N ILE A 208 -4.65 -1.16 -9.63
CA ILE A 208 -3.68 -0.36 -8.90
C ILE A 208 -2.87 0.51 -9.85
N LYS A 209 -2.36 -0.09 -10.91
CA LYS A 209 -1.57 0.66 -11.87
C LYS A 209 -2.40 1.77 -12.54
N THR A 210 -3.67 1.49 -12.80
CA THR A 210 -4.52 2.49 -13.42
C THR A 210 -4.68 3.67 -12.47
N ARG A 211 -4.86 3.38 -11.19
CA ARG A 211 -5.02 4.43 -10.19
C ARG A 211 -3.74 5.26 -10.09
N LEU A 212 -2.58 4.59 -10.07
CA LEU A 212 -1.31 5.32 -10.03
C LEU A 212 -1.14 6.21 -11.26
N PHE A 213 -1.53 5.72 -12.43
CA PHE A 213 -1.45 6.52 -13.64
C PHE A 213 -2.35 7.74 -13.52
N THR A 214 -3.53 7.55 -12.95
CA THR A 214 -4.47 8.65 -12.79
C THR A 214 -3.93 9.72 -11.84
N ILE A 215 -3.32 9.29 -10.76
CA ILE A 215 -2.67 10.19 -9.81
C ILE A 215 -1.58 11.00 -10.50
N ARG A 216 -0.66 10.32 -11.19
CA ARG A 216 0.41 11.01 -11.92
C ARG A 216 -0.15 12.04 -12.92
N GLN A 217 -1.13 11.62 -13.72
CA GLN A 217 -1.70 12.48 -14.76
C GLN A 217 -2.36 13.73 -14.17
N GLU A 218 -3.09 13.55 -13.08
CA GLU A 218 -3.74 14.67 -12.40
C GLU A 218 -2.71 15.61 -11.78
N MET A 219 -1.70 15.04 -11.11
CA MET A 219 -0.63 15.86 -10.56
C MET A 219 0.00 16.68 -11.69
N ALA A 220 0.27 16.02 -12.80
CA ALA A 220 0.91 16.66 -13.95
C ALA A 220 0.07 17.84 -14.46
N SER A 221 -1.25 17.64 -14.52
CA SER A 221 -2.12 18.70 -15.01
C SER A 221 -2.11 19.91 -14.09
N ARG A 222 -1.83 19.69 -12.81
CA ARG A 222 -1.71 20.78 -11.84
C ARG A 222 -0.26 21.27 -11.66
N SER A 223 0.63 20.78 -12.51
CA SER A 223 2.07 21.05 -12.45
C SER A 223 2.76 20.69 -11.12
N LEU A 224 2.26 19.64 -10.48
CA LEU A 224 2.83 19.11 -9.23
C LEU A 224 3.72 17.87 -9.42
N TRP A 225 3.65 17.25 -10.60
CA TRP A 225 4.32 15.96 -10.79
C TRP A 225 5.84 15.99 -10.76
N ASP A 226 6.47 16.85 -11.55
CA ASP A 226 7.93 16.87 -11.64
C ASP A 226 8.61 16.94 -10.28
N SER A 227 8.13 17.83 -9.42
CA SER A 227 8.67 17.98 -8.08
C SER A 227 8.35 16.76 -7.21
N PHE A 228 7.14 16.25 -7.33
CA PHE A 228 6.75 15.10 -6.53
C PHE A 228 7.66 13.93 -6.90
N ARG A 229 7.93 13.77 -8.19
CA ARG A 229 8.76 12.68 -8.67
C ARG A 229 10.19 12.86 -8.14
N GLN A 230 10.70 14.09 -8.28
CA GLN A 230 12.09 14.37 -7.93
C GLN A 230 12.32 14.29 -6.42
N SER A 231 11.27 14.48 -5.63
CA SER A 231 11.44 14.58 -4.19
C SER A 231 11.63 13.22 -3.51
N GLU A 232 11.46 12.12 -4.24
CA GLU A 232 11.58 10.81 -3.58
C GLU A 232 13.03 10.60 -3.14
MN MN B . 4.99 -0.10 2.41
MN MN C . 3.85 0.22 6.04
MN MN D . 3.35 3.21 8.28
S SO4 E . 7.82 19.52 -0.22
O1 SO4 E . 6.66 20.41 -0.11
O2 SO4 E . 8.70 19.74 0.93
O3 SO4 E . 7.37 18.13 -0.25
O4 SO4 E . 8.56 19.81 -1.45
C1 EDO F . 8.02 10.32 -0.11
O1 EDO F . 8.59 9.01 -0.21
C2 EDO F . 9.11 11.37 -0.26
O2 EDO F . 8.51 12.63 -0.58
H11 EDO F . 7.27 10.46 -0.88
H12 EDO F . 7.54 10.44 0.87
HO1 EDO F . 7.89 8.35 -0.10
H21 EDO F . 9.79 11.08 -1.06
H22 EDO F . 9.68 11.45 0.66
HO2 EDO F . 9.20 13.30 -0.68
O01 28B G . 4.94 1.02 4.28
C02 28B G . 5.22 2.20 4.11
C03 28B G . 5.94 2.58 2.93
O04 28B G . 6.30 1.62 2.05
C05 28B G . 6.29 3.94 2.69
C06 28B G . 5.88 4.94 3.64
C07 28B G . 6.21 6.37 3.42
C08 28B G . 6.24 6.90 2.14
C09 28B G . 6.56 8.23 1.96
C10 28B G . 6.86 9.04 3.06
C11 28B G . 6.83 8.50 4.34
C12 28B G . 7.15 9.35 5.53
N13 28B G . 7.39 9.97 6.45
C14 28B G . 6.51 7.16 4.52
C15 28B G . 5.14 4.56 4.79
N16 28B G . 4.81 3.18 5.02
#